data_4J83
#
_entry.id   4J83
#
_cell.length_a   83.475
_cell.length_b   83.475
_cell.length_c   95.785
_cell.angle_alpha   90.00
_cell.angle_beta   90.00
_cell.angle_gamma   120.00
#
_symmetry.space_group_name_H-M   'P 32 2 1'
#
loop_
_entity.id
_entity.type
_entity.pdbx_description
1 polymer 'Histone-lysine N-methyltransferase SETD7'
2 polymer 'Transcription initiation factor TFIID subunit 10'
3 non-polymer S-ADENOSYLMETHIONINE
4 water water
#
loop_
_entity_poly.entity_id
_entity_poly.type
_entity_poly.pdbx_seq_one_letter_code
_entity_poly.pdbx_strand_id
1 'polypeptide(L)'
;GAMGYKDNIRHGVCWIYYPDGGSLVGEVNEDGEMTGEKIAYVYPDERTALYGKFIDGEMIEGKLATLMSTEEGRPHFELM
PGNSVYHFDKSTSSCISTNALLPDPYESERVYVAESLISSAGEGLFSKVAVGPNTVMSFYNGVRITHQEVDSRDWALNGN
TLSLDEETVIDVPEPYNHVSKYCASLGHKANHSFTPNCIYDMFVHPRFGPIKCIRTLRAVEADEELTVAYGYDHSPPGKS
GPEAPEWYQVELKAFQATQQK
;
A
2 'polypeptide(L)' (ACE)SKSADRKYTL B
#
loop_
_chem_comp.id
_chem_comp.type
_chem_comp.name
_chem_comp.formula
ACE non-polymer 'ACETYL GROUP' 'C2 H4 O'
SAM non-polymer S-ADENOSYLMETHIONINE 'C15 H22 N6 O5 S'
#
# COMPACT_ATOMS: atom_id res chain seq x y z
N GLY A 12 -29.34 6.70 10.29
CA GLY A 12 -28.03 7.21 10.78
CA GLY A 12 -28.03 7.21 10.78
CA GLY A 12 -28.03 7.22 10.78
C GLY A 12 -26.82 6.46 10.24
N VAL A 13 -26.34 6.88 9.09
N VAL A 13 -26.30 6.92 9.11
CA VAL A 13 -25.08 6.37 8.51
CA VAL A 13 -25.02 6.41 8.56
C VAL A 13 -23.92 7.13 9.14
C VAL A 13 -23.82 7.25 8.94
N CYS A 14 -22.79 6.45 9.33
N CYS A 14 -22.74 6.55 9.32
CA CYS A 14 -21.56 7.13 9.70
CA CYS A 14 -21.52 7.14 9.85
C CYS A 14 -20.45 6.89 8.69
C CYS A 14 -20.36 6.84 8.92
N TRP A 15 -19.54 7.86 8.60
CA TRP A 15 -18.30 7.69 7.81
C TRP A 15 -17.18 7.92 8.77
N ILE A 16 -16.16 7.03 8.79
CA ILE A 16 -15.01 7.25 9.67
C ILE A 16 -13.78 7.25 8.77
N TYR A 17 -13.11 8.41 8.64
CA TYR A 17 -11.97 8.53 7.72
C TYR A 17 -10.66 8.24 8.44
N TYR A 18 -9.75 7.54 7.77
CA TYR A 18 -8.37 7.49 8.23
C TYR A 18 -7.62 8.69 7.64
N PRO A 19 -6.45 9.01 8.22
CA PRO A 19 -5.72 10.17 7.75
C PRO A 19 -5.34 10.03 6.31
N ASP A 20 -5.22 8.79 5.81
CA ASP A 20 -4.86 8.59 4.40
C ASP A 20 -5.98 8.77 3.38
N GLY A 21 -7.20 8.98 3.87
CA GLY A 21 -8.34 9.27 2.99
C GLY A 21 -9.25 8.09 2.69
N GLY A 22 -8.80 6.89 3.05
CA GLY A 22 -9.76 5.73 3.05
C GLY A 22 -10.76 5.91 4.16
N SER A 23 -11.86 5.16 4.11
CA SER A 23 -12.87 5.30 5.18
C SER A 23 -13.62 4.01 5.40
N LEU A 24 -14.24 3.91 6.58
CA LEU A 24 -15.30 2.89 6.77
C LEU A 24 -16.64 3.60 6.79
N VAL A 25 -17.65 3.00 6.17
CA VAL A 25 -18.96 3.64 6.12
C VAL A 25 -20.08 2.64 6.35
N GLY A 26 -21.07 3.01 7.15
CA GLY A 26 -22.18 2.11 7.36
C GLY A 26 -23.07 2.62 8.47
N GLU A 27 -24.16 1.90 8.72
CA GLU A 27 -24.91 2.09 9.99
C GLU A 27 -24.20 1.44 11.14
N VAL A 28 -23.95 2.16 12.20
CA VAL A 28 -23.23 1.55 13.32
C VAL A 28 -24.22 0.81 14.21
N ASN A 29 -23.74 -0.12 15.03
CA ASN A 29 -24.67 -0.96 15.84
C ASN A 29 -25.03 -0.30 17.17
N GLU A 30 -25.73 -1.05 18.03
CA GLU A 30 -26.25 -0.51 19.28
C GLU A 30 -25.17 0.15 20.14
N ASP A 31 -23.97 -0.45 20.21
CA ASP A 31 -22.78 0.28 20.64
C ASP A 31 -22.30 1.12 19.46
N GLY A 32 -21.13 1.73 19.57
CA GLY A 32 -20.73 2.64 18.50
C GLY A 32 -20.08 1.99 17.28
N GLU A 33 -20.33 0.69 17.05
CA GLU A 33 -19.36 -0.12 16.29
C GLU A 33 -19.73 -0.37 14.83
N MET A 34 -18.71 -0.43 13.96
CA MET A 34 -18.89 -0.71 12.54
C MET A 34 -19.04 -2.19 12.39
N THR A 35 -20.23 -2.70 12.70
CA THR A 35 -20.49 -4.12 12.71
C THR A 35 -21.80 -4.35 11.98
N GLY A 36 -21.80 -5.22 10.97
CA GLY A 36 -23.01 -5.51 10.21
C GLY A 36 -22.74 -6.16 8.88
N GLU A 37 -23.79 -6.39 8.09
CA GLU A 37 -23.63 -7.05 6.81
C GLU A 37 -23.48 -6.12 5.65
N LYS A 38 -23.67 -4.81 5.90
CA LYS A 38 -23.71 -3.82 4.81
C LYS A 38 -22.74 -2.67 5.14
N ILE A 39 -21.59 -3.01 5.69
CA ILE A 39 -20.53 -2.02 5.96
C ILE A 39 -19.56 -1.99 4.77
N ALA A 40 -18.91 -0.86 4.48
CA ALA A 40 -17.93 -0.84 3.38
C ALA A 40 -16.66 -0.15 3.82
N TYR A 41 -15.51 -0.62 3.29
CA TYR A 41 -14.30 0.22 3.23
C TYR A 41 -14.26 0.87 1.88
N VAL A 42 -14.05 2.19 1.86
CA VAL A 42 -13.96 2.90 0.58
C VAL A 42 -12.54 3.42 0.44
N TYR A 43 -11.90 3.09 -0.69
CA TYR A 43 -10.50 3.49 -0.94
C TYR A 43 -10.43 5.01 -1.14
N PRO A 44 -9.20 5.55 -1.20
CA PRO A 44 -9.03 7.01 -1.27
C PRO A 44 -9.49 7.66 -2.57
N ASP A 45 -9.89 6.87 -3.59
CA ASP A 45 -10.51 7.44 -4.80
C ASP A 45 -11.98 7.76 -4.54
N GLU A 46 -12.45 7.44 -3.35
CA GLU A 46 -13.84 7.70 -2.95
C GLU A 46 -14.80 7.01 -3.94
N ARG A 47 -14.37 5.90 -4.58
CA ARG A 47 -15.19 5.22 -5.58
C ARG A 47 -15.07 3.68 -5.49
N THR A 48 -13.84 3.19 -5.31
CA THR A 48 -13.65 1.73 -5.23
C THR A 48 -13.89 1.29 -3.77
N ALA A 49 -14.67 0.23 -3.58
CA ALA A 49 -15.08 -0.17 -2.25
C ALA A 49 -15.05 -1.67 -2.05
N LEU A 50 -14.92 -2.05 -0.79
CA LEU A 50 -15.06 -3.48 -0.43
C LEU A 50 -16.23 -3.51 0.55
N TYR A 51 -17.31 -4.18 0.13
CA TYR A 51 -18.63 -4.02 0.79
C TYR A 51 -19.12 -5.36 1.32
N GLY A 52 -19.55 -5.39 2.57
CA GLY A 52 -20.12 -6.64 3.12
C GLY A 52 -20.03 -6.71 4.62
N LYS A 53 -19.54 -7.86 5.11
CA LYS A 53 -19.61 -8.17 6.51
C LYS A 53 -18.38 -7.66 7.23
N PHE A 54 -18.59 -6.82 8.23
CA PHE A 54 -17.48 -6.29 9.06
C PHE A 54 -17.86 -6.48 10.51
N ILE A 55 -16.88 -6.71 11.36
CA ILE A 55 -17.12 -6.74 12.82
C ILE A 55 -16.17 -5.78 13.52
N ASP A 56 -16.75 -4.78 14.19
CA ASP A 56 -16.00 -3.69 14.86
C ASP A 56 -14.90 -3.14 13.94
N GLY A 57 -15.27 -2.96 12.68
CA GLY A 57 -14.41 -2.31 11.68
C GLY A 57 -13.43 -3.29 11.01
N GLU A 58 -13.37 -4.54 11.45
CA GLU A 58 -12.53 -5.55 10.76
C GLU A 58 -13.32 -6.21 9.62
N MET A 59 -12.72 -6.26 8.42
CA MET A 59 -13.37 -6.84 7.25
C MET A 59 -13.40 -8.36 7.34
N ILE A 60 -14.60 -8.91 7.45
CA ILE A 60 -14.75 -10.37 7.46
C ILE A 60 -14.95 -10.90 6.05
N GLU A 61 -15.81 -10.24 5.28
CA GLU A 61 -16.02 -10.64 3.91
C GLU A 61 -16.40 -9.39 3.13
N GLY A 62 -15.42 -8.81 2.44
CA GLY A 62 -15.70 -7.60 1.61
C GLY A 62 -15.72 -7.96 0.13
N LYS A 63 -16.80 -7.58 -0.56
CA LYS A 63 -16.92 -7.86 -1.99
C LYS A 63 -16.63 -6.61 -2.79
N LEU A 64 -15.93 -6.72 -3.90
CA LEU A 64 -15.55 -5.54 -4.67
C LEU A 64 -16.79 -4.85 -5.22
N ALA A 65 -16.86 -3.53 -5.05
CA ALA A 65 -18.07 -2.76 -5.44
C ALA A 65 -17.62 -1.38 -5.90
N THR A 66 -18.52 -0.67 -6.56
CA THR A 66 -18.27 0.71 -6.92
C THR A 66 -19.29 1.59 -6.25
N LEU A 67 -18.80 2.67 -5.63
CA LEU A 67 -19.73 3.64 -4.98
C LEU A 67 -20.30 4.50 -6.11
N MET A 68 -21.62 4.41 -6.32
CA MET A 68 -22.25 5.01 -7.50
C MET A 68 -22.82 6.40 -7.15
N SER A 69 -23.33 6.55 -5.94
CA SER A 69 -23.84 7.86 -5.47
C SER A 69 -24.02 7.83 -3.97
N THR A 70 -24.34 8.97 -3.35
CA THR A 70 -24.79 8.95 -1.99
C THR A 70 -26.11 9.70 -1.93
N GLU A 71 -26.99 9.25 -1.06
CA GLU A 71 -28.29 9.90 -0.91
C GLU A 71 -28.48 10.14 0.58
N GLU A 72 -28.57 11.43 0.96
CA GLU A 72 -28.63 11.79 2.38
C GLU A 72 -27.47 11.23 3.19
N GLY A 73 -26.32 11.14 2.52
CA GLY A 73 -25.10 10.70 3.18
C GLY A 73 -24.90 9.19 3.05
N ARG A 74 -25.93 8.48 2.60
CA ARG A 74 -25.85 7.01 2.53
CA ARG A 74 -25.86 7.01 2.54
C ARG A 74 -25.26 6.57 1.20
N PRO A 75 -24.24 5.67 1.24
CA PRO A 75 -23.61 5.36 -0.02
C PRO A 75 -24.46 4.26 -0.69
N HIS A 76 -24.56 4.34 -2.02
CA HIS A 76 -25.23 3.33 -2.80
C HIS A 76 -24.22 2.66 -3.71
N PHE A 77 -24.09 1.35 -3.56
CA PHE A 77 -22.99 0.62 -4.24
C PHE A 77 -23.56 -0.27 -5.34
N GLU A 78 -22.75 -0.56 -6.34
CA GLU A 78 -23.01 -1.66 -7.26
C GLU A 78 -21.86 -2.70 -7.11
N LEU A 79 -22.22 -3.95 -6.94
CA LEU A 79 -21.18 -4.99 -6.82
C LEU A 79 -20.61 -5.29 -8.16
N MET A 80 -19.30 -5.48 -8.20
CA MET A 80 -18.63 -5.79 -9.43
C MET A 80 -18.90 -7.27 -9.72
N PRO A 81 -18.78 -7.64 -11.02
CA PRO A 81 -19.09 -9.01 -11.32
C PRO A 81 -17.93 -9.85 -10.83
N GLY A 82 -18.20 -11.15 -10.70
CA GLY A 82 -17.18 -12.07 -10.23
C GLY A 82 -17.46 -12.41 -8.80
N ASN A 83 -16.54 -13.15 -8.20
CA ASN A 83 -16.69 -13.55 -6.83
C ASN A 83 -15.42 -13.06 -6.11
N SER A 84 -14.97 -11.83 -6.34
N SER A 84 -15.27 -11.74 -6.22
CA SER A 84 -13.85 -11.34 -5.53
CA SER A 84 -14.07 -10.97 -5.93
C SER A 84 -14.34 -11.15 -4.08
C SER A 84 -14.21 -10.50 -4.48
N VAL A 85 -13.85 -11.97 -3.15
N VAL A 85 -13.67 -11.28 -3.56
CA VAL A 85 -13.98 -11.66 -1.69
CA VAL A 85 -13.86 -11.03 -2.14
C VAL A 85 -12.67 -11.45 -0.93
C VAL A 85 -12.53 -10.99 -1.39
N TYR A 86 -12.58 -10.33 -0.23
CA TYR A 86 -11.39 -10.00 0.55
C TYR A 86 -11.65 -10.01 2.04
N HIS A 87 -10.60 -10.31 2.83
CA HIS A 87 -10.76 -10.25 4.28
CA HIS A 87 -10.68 -10.49 4.28
C HIS A 87 -9.52 -9.71 4.94
N PHE A 88 -9.68 -9.28 6.18
CA PHE A 88 -8.55 -8.79 6.96
C PHE A 88 -7.57 -9.95 7.10
N ASP A 89 -6.29 -9.70 6.81
CA ASP A 89 -5.30 -10.82 6.66
C ASP A 89 -3.94 -10.19 6.91
N LYS A 90 -3.77 -9.61 8.09
CA LYS A 90 -2.49 -8.94 8.41
C LYS A 90 -1.34 -9.95 8.41
N SER A 91 -0.22 -9.55 7.81
CA SER A 91 1.00 -10.40 7.76
C SER A 91 1.53 -10.67 9.15
N THR A 92 2.37 -11.71 9.25
CA THR A 92 3.07 -11.99 10.52
C THR A 92 4.57 -11.90 10.22
N SER A 93 5.42 -12.41 11.11
N SER A 93 5.41 -12.41 11.13
CA SER A 93 6.84 -12.38 10.78
CA SER A 93 6.85 -12.39 10.83
C SER A 93 7.20 -13.40 9.70
C SER A 93 7.22 -13.41 9.75
N SER A 94 6.35 -14.40 9.53
CA SER A 94 6.64 -15.47 8.62
C SER A 94 5.65 -15.66 7.47
N CYS A 95 4.49 -14.99 7.54
CA CYS A 95 3.46 -15.22 6.49
C CYS A 95 3.13 -13.86 5.86
N ILE A 96 3.42 -13.70 4.58
CA ILE A 96 3.14 -12.42 3.90
C ILE A 96 1.62 -12.20 3.61
N SER A 97 0.88 -13.29 3.35
CA SER A 97 -0.51 -13.22 2.89
C SER A 97 -1.07 -14.62 2.82
N THR A 98 -2.34 -14.78 3.12
CA THR A 98 -3.08 -16.03 2.81
C THR A 98 -3.36 -16.21 1.31
N ASN A 99 -3.36 -15.11 0.55
CA ASN A 99 -3.59 -15.14 -0.88
C ASN A 99 -2.56 -14.33 -1.59
N ALA A 100 -1.33 -14.84 -1.63
CA ALA A 100 -0.24 -14.09 -2.23
C ALA A 100 -0.46 -13.67 -3.68
N LEU A 101 -1.28 -14.41 -4.44
CA LEU A 101 -1.44 -14.11 -5.86
C LEU A 101 -2.71 -13.34 -6.18
N LEU A 102 -3.48 -12.95 -5.14
CA LEU A 102 -4.73 -12.22 -5.36
C LEU A 102 -4.42 -10.70 -5.25
N PRO A 103 -4.48 -9.98 -6.36
CA PRO A 103 -4.01 -8.57 -6.42
C PRO A 103 -4.99 -7.68 -5.66
N ASP A 104 -4.50 -6.53 -5.22
CA ASP A 104 -5.41 -5.51 -4.69
C ASP A 104 -6.10 -4.83 -5.89
N PRO A 105 -7.44 -4.71 -5.82
CA PRO A 105 -8.18 -4.25 -6.99
C PRO A 105 -8.00 -2.72 -7.26
N TYR A 106 -7.73 -1.92 -6.22
CA TYR A 106 -7.46 -0.49 -6.40
C TYR A 106 -6.08 -0.29 -7.07
N GLU A 107 -5.07 -0.96 -6.52
CA GLU A 107 -3.71 -0.90 -7.08
C GLU A 107 -3.65 -1.40 -8.51
N SER A 108 -4.45 -2.43 -8.82
CA SER A 108 -4.43 -3.06 -10.17
CA SER A 108 -4.46 -3.06 -10.16
C SER A 108 -4.91 -2.11 -11.27
N GLU A 109 -5.70 -1.10 -10.91
CA GLU A 109 -6.12 -0.10 -11.88
C GLU A 109 -5.11 1.01 -12.10
N ARG A 110 -4.09 1.08 -11.23
CA ARG A 110 -3.26 2.29 -11.18
C ARG A 110 -1.80 2.07 -11.54
N VAL A 111 -1.30 0.86 -11.29
CA VAL A 111 0.13 0.60 -11.51
C VAL A 111 0.37 -0.75 -12.23
N TYR A 112 1.51 -0.83 -12.89
CA TYR A 112 2.00 -2.11 -13.43
C TYR A 112 3.49 -2.19 -13.27
N VAL A 113 4.03 -3.41 -13.32
CA VAL A 113 5.47 -3.64 -13.16
C VAL A 113 6.10 -3.85 -14.57
N ALA A 114 7.24 -3.22 -14.83
CA ALA A 114 8.03 -3.45 -16.09
C ALA A 114 9.48 -3.25 -15.79
N GLU A 115 10.37 -3.46 -16.78
CA GLU A 115 11.79 -3.11 -16.57
C GLU A 115 11.92 -1.62 -16.26
N SER A 116 12.72 -1.29 -15.25
CA SER A 116 12.92 0.10 -14.85
C SER A 116 13.58 0.86 -15.98
N LEU A 117 13.34 2.17 -16.03
CA LEU A 117 14.12 3.07 -16.89
C LEU A 117 15.50 3.42 -16.33
N ILE A 118 15.67 3.30 -15.01
CA ILE A 118 16.99 3.44 -14.37
C ILE A 118 17.89 2.25 -14.77
N SER A 119 19.06 2.53 -15.32
CA SER A 119 19.95 1.45 -15.80
C SER A 119 20.42 0.51 -14.65
N SER A 120 20.41 -0.79 -14.92
CA SER A 120 20.79 -1.80 -13.91
C SER A 120 20.00 -1.75 -12.59
N ALA A 121 18.72 -1.35 -12.64
CA ALA A 121 17.89 -1.26 -11.45
C ALA A 121 16.78 -2.32 -11.43
N GLY A 122 16.88 -3.29 -12.33
CA GLY A 122 15.91 -4.36 -12.40
C GLY A 122 14.51 -3.89 -12.83
N GLU A 123 13.50 -4.39 -12.13
CA GLU A 123 12.10 -4.01 -12.44
C GLU A 123 11.71 -2.73 -11.72
N GLY A 124 10.68 -2.05 -12.23
CA GLY A 124 10.20 -0.81 -11.62
C GLY A 124 8.70 -0.79 -11.62
N LEU A 125 8.14 0.27 -11.04
CA LEU A 125 6.69 0.40 -10.90
C LEU A 125 6.30 1.59 -11.77
N PHE A 126 5.24 1.42 -12.57
CA PHE A 126 4.81 2.44 -13.51
C PHE A 126 3.34 2.81 -13.32
N SER A 127 2.99 4.04 -13.65
CA SER A 127 1.58 4.44 -13.69
C SER A 127 0.82 3.93 -14.89
N LYS A 128 -0.32 3.27 -14.68
N LYS A 128 -0.36 3.36 -14.64
CA LYS A 128 -1.21 2.91 -15.80
CA LYS A 128 -1.27 2.87 -15.68
C LYS A 128 -1.91 4.15 -16.37
C LYS A 128 -2.15 4.01 -16.23
N VAL A 129 -2.21 5.12 -15.51
CA VAL A 129 -3.14 6.22 -15.86
C VAL A 129 -2.56 7.56 -15.41
N ALA A 130 -2.99 8.65 -16.02
CA ALA A 130 -2.57 9.99 -15.52
C ALA A 130 -3.32 10.28 -14.22
N VAL A 131 -2.62 10.74 -13.20
CA VAL A 131 -3.25 11.14 -11.92
C VAL A 131 -2.69 12.48 -11.44
N GLY A 132 -3.44 13.06 -10.51
CA GLY A 132 -3.02 14.31 -9.84
C GLY A 132 -2.08 14.11 -8.68
N PRO A 133 -1.64 15.21 -8.07
CA PRO A 133 -0.86 15.12 -6.84
C PRO A 133 -1.62 14.46 -5.73
N ASN A 134 -0.85 13.98 -4.75
N ASN A 134 -0.88 13.92 -4.78
CA ASN A 134 -1.34 13.35 -3.51
CA ASN A 134 -1.50 13.40 -3.58
C ASN A 134 -2.16 12.07 -3.70
C ASN A 134 -2.34 12.16 -3.84
N THR A 135 -1.94 11.38 -4.83
CA THR A 135 -2.72 10.16 -5.19
C THR A 135 -2.05 8.90 -4.66
N VAL A 136 -2.76 8.14 -3.84
CA VAL A 136 -2.26 6.78 -3.44
C VAL A 136 -2.27 5.88 -4.69
N MET A 137 -1.11 5.27 -4.99
CA MET A 137 -0.92 4.48 -6.20
C MET A 137 -0.73 3.00 -5.91
N SER A 138 -0.13 2.70 -4.79
CA SER A 138 0.36 1.34 -4.55
C SER A 138 0.57 1.10 -3.04
N PHE A 139 0.57 -0.16 -2.59
CA PHE A 139 0.65 -0.49 -1.19
C PHE A 139 1.93 -1.30 -0.95
N TYR A 140 2.58 -1.05 0.19
CA TYR A 140 3.79 -1.75 0.54
C TYR A 140 3.50 -2.63 1.73
N ASN A 141 2.99 -3.83 1.39
CA ASN A 141 2.81 -4.84 2.39
C ASN A 141 4.04 -5.80 2.42
N GLY A 142 4.20 -6.50 3.51
CA GLY A 142 5.28 -7.53 3.60
C GLY A 142 5.26 -8.14 4.96
N VAL A 143 6.20 -9.08 5.23
CA VAL A 143 6.30 -9.65 6.56
C VAL A 143 6.80 -8.64 7.56
N ARG A 144 6.52 -8.87 8.84
CA ARG A 144 6.77 -7.85 9.90
C ARG A 144 7.86 -8.39 10.80
N ILE A 145 9.03 -7.78 10.71
CA ILE A 145 10.18 -8.26 11.49
C ILE A 145 10.77 -7.09 12.30
N THR A 146 11.77 -7.38 13.14
CA THR A 146 12.29 -6.32 14.04
C THR A 146 13.48 -5.57 13.41
N HIS A 147 13.70 -4.34 13.90
CA HIS A 147 14.91 -3.63 13.51
C HIS A 147 16.18 -4.39 13.90
N GLN A 148 16.17 -5.09 15.04
CA GLN A 148 17.36 -5.88 15.46
C GLN A 148 17.77 -6.88 14.38
N GLU A 149 16.78 -7.63 13.88
CA GLU A 149 17.04 -8.61 12.82
C GLU A 149 17.57 -8.00 11.55
N VAL A 150 16.96 -6.89 11.12
CA VAL A 150 17.35 -6.31 9.89
C VAL A 150 18.74 -5.64 10.01
N ASP A 151 18.95 -4.95 11.11
CA ASP A 151 20.18 -4.14 11.27
C ASP A 151 21.41 -5.05 11.47
N SER A 152 21.19 -6.23 12.04
N SER A 152 21.17 -6.23 12.04
CA SER A 152 22.29 -7.17 12.32
CA SER A 152 22.24 -7.19 12.34
C SER A 152 22.75 -7.96 11.10
C SER A 152 22.41 -8.24 11.26
N ARG A 153 21.96 -7.93 10.04
CA ARG A 153 22.19 -8.80 8.90
C ARG A 153 22.69 -8.03 7.67
N ASP A 154 23.20 -8.75 6.67
CA ASP A 154 23.91 -8.15 5.53
C ASP A 154 22.96 -7.34 4.65
N TRP A 155 23.52 -6.36 3.95
CA TRP A 155 22.74 -5.57 2.97
C TRP A 155 22.13 -6.38 1.91
N ALA A 156 22.78 -7.47 1.52
CA ALA A 156 22.22 -8.31 0.47
C ALA A 156 20.80 -8.82 0.83
N LEU A 157 20.48 -8.91 2.13
CA LEU A 157 19.17 -9.42 2.55
C LEU A 157 18.16 -8.24 2.71
N ASN A 158 18.64 -7.01 2.53
CA ASN A 158 17.87 -5.83 2.98
C ASN A 158 17.45 -4.92 1.85
N GLY A 159 17.28 -5.50 0.67
CA GLY A 159 16.97 -4.75 -0.53
C GLY A 159 15.55 -4.19 -0.39
N ASN A 160 14.69 -4.95 0.29
CA ASN A 160 13.25 -4.60 0.33
C ASN A 160 12.74 -4.24 1.72
N THR A 161 13.61 -3.90 2.66
CA THR A 161 13.17 -3.62 4.02
C THR A 161 12.73 -2.16 4.07
N LEU A 162 11.55 -1.94 4.65
CA LEU A 162 10.99 -0.58 4.77
C LEU A 162 10.56 -0.40 6.22
N SER A 163 11.10 0.61 6.92
CA SER A 163 10.75 0.84 8.27
C SER A 163 9.27 1.22 8.33
N LEU A 164 8.52 0.62 9.25
CA LEU A 164 7.10 1.01 9.45
C LEU A 164 6.98 1.97 10.61
N ASP A 165 7.59 1.61 11.74
CA ASP A 165 7.56 2.46 12.94
C ASP A 165 8.76 2.05 13.79
N GLU A 166 8.77 2.43 15.06
CA GLU A 166 9.95 2.20 15.89
C GLU A 166 10.15 0.71 16.27
N GLU A 167 9.10 -0.10 16.09
CA GLU A 167 9.13 -1.51 16.51
C GLU A 167 9.22 -2.49 15.31
N THR A 168 8.84 -2.05 14.12
CA THR A 168 8.54 -2.95 13.00
C THR A 168 9.17 -2.54 11.69
N VAL A 169 9.78 -3.50 10.98
CA VAL A 169 10.20 -3.30 9.63
C VAL A 169 9.37 -4.23 8.74
N ILE A 170 8.90 -3.73 7.60
CA ILE A 170 8.20 -4.57 6.61
C ILE A 170 9.23 -5.03 5.59
N ASP A 171 9.18 -6.33 5.24
CA ASP A 171 10.11 -6.86 4.24
C ASP A 171 9.34 -7.71 3.22
N VAL A 172 9.86 -7.77 2.01
CA VAL A 172 9.36 -8.68 0.99
C VAL A 172 10.56 -9.53 0.64
N PRO A 173 10.76 -10.60 1.40
CA PRO A 173 11.95 -11.46 1.18
C PRO A 173 11.82 -12.38 -0.04
N GLU A 174 12.95 -12.74 -0.66
CA GLU A 174 12.93 -13.74 -1.75
C GLU A 174 12.19 -14.98 -1.24
N PRO A 175 11.37 -15.61 -2.09
CA PRO A 175 11.14 -15.42 -3.51
C PRO A 175 9.95 -14.46 -3.78
N TYR A 176 9.43 -13.82 -2.73
CA TYR A 176 8.21 -13.03 -2.87
C TYR A 176 8.49 -11.71 -3.59
N ASN A 177 9.77 -11.40 -3.81
CA ASN A 177 10.13 -10.25 -4.65
C ASN A 177 9.89 -10.47 -6.13
N HIS A 178 9.47 -11.67 -6.52
CA HIS A 178 9.01 -11.93 -7.90
C HIS A 178 7.53 -11.91 -8.00
N VAL A 179 7.03 -11.20 -8.98
CA VAL A 179 5.59 -11.10 -9.19
C VAL A 179 4.88 -12.44 -9.45
N SER A 180 5.61 -13.44 -9.97
CA SER A 180 5.02 -14.77 -10.10
C SER A 180 4.80 -15.48 -8.76
N LYS A 181 5.42 -15.04 -7.65
CA LYS A 181 5.19 -15.63 -6.35
C LYS A 181 4.32 -14.71 -5.45
N TYR A 182 4.32 -13.42 -5.73
CA TYR A 182 3.58 -12.50 -4.85
C TYR A 182 3.19 -11.25 -5.63
N CYS A 183 1.89 -11.00 -5.72
CA CYS A 183 1.42 -9.81 -6.42
C CYS A 183 0.20 -9.21 -5.72
N ALA A 184 0.05 -9.52 -4.44
CA ALA A 184 -1.11 -8.99 -3.69
C ALA A 184 -0.92 -7.45 -3.52
N SER A 185 0.34 -7.04 -3.38
CA SER A 185 0.69 -5.60 -3.40
C SER A 185 1.98 -5.41 -4.19
N LEU A 186 2.27 -4.17 -4.60
CA LEU A 186 3.38 -3.94 -5.55
C LEU A 186 4.28 -2.78 -5.14
N GLY A 187 4.11 -2.27 -3.93
CA GLY A 187 4.91 -1.10 -3.52
C GLY A 187 6.40 -1.35 -3.48
N HIS A 188 6.80 -2.59 -3.22
CA HIS A 188 8.21 -2.97 -3.21
C HIS A 188 8.84 -2.98 -4.59
N LYS A 189 8.07 -2.67 -5.61
CA LYS A 189 8.62 -2.58 -6.97
C LYS A 189 9.06 -1.18 -7.36
N ALA A 190 8.77 -0.17 -6.52
CA ALA A 190 9.20 1.22 -6.90
C ALA A 190 10.67 1.45 -6.57
N ASN A 191 11.40 1.94 -7.56
CA ASN A 191 12.80 2.23 -7.40
C ASN A 191 13.09 3.57 -6.73
N HIS A 192 14.35 3.74 -6.29
CA HIS A 192 14.78 4.95 -5.62
C HIS A 192 15.15 6.05 -6.62
N SER A 193 14.77 7.27 -6.29
CA SER A 193 15.34 8.47 -6.90
C SER A 193 15.56 9.53 -5.86
N PHE A 194 16.67 10.29 -5.99
CA PHE A 194 16.83 11.50 -5.21
C PHE A 194 16.01 12.66 -5.72
N THR A 195 15.42 12.50 -6.91
CA THR A 195 14.43 13.44 -7.43
C THR A 195 13.09 12.72 -7.71
N PRO A 196 12.40 12.34 -6.63
CA PRO A 196 11.33 11.37 -6.78
C PRO A 196 10.01 12.05 -7.18
N ASN A 197 9.12 11.31 -7.84
CA ASN A 197 7.71 11.77 -7.97
C ASN A 197 6.68 11.29 -6.92
N CYS A 198 7.11 10.46 -5.97
CA CYS A 198 6.22 9.90 -4.95
C CYS A 198 6.89 9.91 -3.59
N ILE A 199 6.14 9.69 -2.54
CA ILE A 199 6.69 9.48 -1.24
C ILE A 199 6.11 8.17 -0.68
N TYR A 200 6.80 7.57 0.29
CA TYR A 200 6.11 6.61 1.21
C TYR A 200 5.23 7.35 2.22
N ASP A 201 4.05 6.82 2.52
CA ASP A 201 3.17 7.44 3.50
C ASP A 201 2.45 6.34 4.30
N MET A 202 2.01 6.62 5.53
CA MET A 202 1.30 5.62 6.35
C MET A 202 -0.03 5.33 5.67
N PHE A 203 -0.48 4.10 5.78
CA PHE A 203 -1.76 3.71 5.22
C PHE A 203 -2.41 2.64 6.08
N VAL A 204 -3.73 2.70 6.30
CA VAL A 204 -4.40 1.65 7.03
C VAL A 204 -5.32 0.91 6.06
N HIS A 205 -4.96 -0.34 5.77
CA HIS A 205 -5.59 -1.07 4.65
C HIS A 205 -6.50 -2.11 5.23
N PRO A 206 -7.68 -2.34 4.62
CA PRO A 206 -8.65 -3.25 5.23
C PRO A 206 -8.23 -4.73 5.14
N ARG A 207 -7.36 -5.05 4.19
CA ARG A 207 -6.82 -6.43 4.07
C ARG A 207 -5.47 -6.48 4.80
N PHE A 208 -4.58 -5.57 4.46
CA PHE A 208 -3.19 -5.62 4.98
C PHE A 208 -2.99 -5.09 6.39
N GLY A 209 -3.94 -4.32 6.92
CA GLY A 209 -3.71 -3.59 8.20
C GLY A 209 -2.82 -2.38 8.05
N PRO A 210 -2.12 -1.99 9.13
CA PRO A 210 -1.27 -0.79 9.10
C PRO A 210 0.01 -1.05 8.33
N ILE A 211 0.13 -0.36 7.19
CA ILE A 211 1.25 -0.54 6.31
C ILE A 211 1.73 0.83 5.82
N LYS A 212 2.53 0.88 4.76
CA LYS A 212 2.81 2.15 4.06
C LYS A 212 2.32 2.04 2.62
N CYS A 213 2.05 3.19 2.00
CA CYS A 213 1.69 3.24 0.58
C CYS A 213 2.67 4.12 -0.20
N ILE A 214 2.55 4.08 -1.52
CA ILE A 214 3.25 5.04 -2.37
CA ILE A 214 3.26 4.98 -2.47
C ILE A 214 2.23 6.07 -2.83
N ARG A 215 2.54 7.35 -2.53
CA ARG A 215 1.59 8.44 -2.81
C ARG A 215 2.31 9.48 -3.71
N THR A 216 1.65 9.94 -4.76
CA THR A 216 2.32 10.96 -5.64
C THR A 216 2.49 12.33 -4.94
N LEU A 217 3.61 13.00 -5.28
CA LEU A 217 3.90 14.37 -4.75
C LEU A 217 3.28 15.41 -5.70
N ARG A 218 3.13 14.99 -6.96
CA ARG A 218 2.78 15.86 -8.09
C ARG A 218 1.92 15.04 -9.07
N ALA A 219 1.33 15.72 -10.05
CA ALA A 219 0.72 15.03 -11.16
C ALA A 219 1.72 14.13 -11.85
N VAL A 220 1.26 12.94 -12.25
CA VAL A 220 2.03 12.03 -13.09
C VAL A 220 1.26 11.59 -14.30
N GLU A 221 1.98 11.35 -15.41
CA GLU A 221 1.37 10.96 -16.68
C GLU A 221 1.26 9.43 -16.76
N ALA A 222 0.38 8.94 -17.63
CA ALA A 222 0.32 7.51 -17.90
C ALA A 222 1.69 6.97 -18.39
N ASP A 223 2.06 5.78 -17.91
CA ASP A 223 3.35 5.16 -18.18
C ASP A 223 4.59 5.83 -17.64
N GLU A 224 4.44 6.75 -16.69
CA GLU A 224 5.58 7.34 -16.01
C GLU A 224 6.10 6.34 -14.95
N GLU A 225 7.42 6.19 -14.84
CA GLU A 225 7.98 5.46 -13.71
C GLU A 225 7.73 6.16 -12.36
N LEU A 226 7.26 5.40 -11.37
CA LEU A 226 7.11 5.92 -10.04
C LEU A 226 8.37 5.64 -9.25
N THR A 227 8.86 6.67 -8.57
CA THR A 227 10.07 6.54 -7.72
C THR A 227 9.88 7.22 -6.39
N VAL A 228 10.64 6.81 -5.38
CA VAL A 228 10.50 7.38 -4.06
C VAL A 228 11.95 7.54 -3.58
N ALA A 229 12.19 8.47 -2.67
CA ALA A 229 13.49 8.55 -2.01
C ALA A 229 13.50 7.53 -0.88
N TYR A 230 14.41 6.58 -0.96
CA TYR A 230 14.50 5.57 0.09
C TYR A 230 14.94 6.11 1.45
N GLY A 231 15.65 7.24 1.51
CA GLY A 231 15.86 7.90 2.81
C GLY A 231 16.73 7.08 3.77
N TYR A 232 17.82 6.52 3.26
CA TYR A 232 18.80 5.95 4.19
CA TYR A 232 18.86 5.92 4.10
C TYR A 232 19.60 7.03 4.88
N ASP A 233 20.18 6.69 6.02
CA ASP A 233 20.95 7.64 6.84
C ASP A 233 22.25 8.02 6.10
N HIS A 234 22.41 9.31 5.83
CA HIS A 234 23.57 9.75 5.05
C HIS A 234 24.77 10.03 5.92
N SER A 235 24.53 10.20 7.22
CA SER A 235 25.61 10.46 8.19
C SER A 235 25.31 9.75 9.54
N PRO A 236 25.62 8.44 9.62
CA PRO A 236 25.47 7.75 10.89
C PRO A 236 26.71 7.87 11.80
N PRO A 242 27.77 6.77 4.57
CA PRO A 242 26.33 6.49 4.58
C PRO A 242 26.07 5.02 4.90
N GLU A 243 25.02 4.73 5.69
CA GLU A 243 24.57 3.34 5.91
C GLU A 243 23.54 2.97 4.82
N ALA A 244 24.02 2.38 3.75
CA ALA A 244 23.25 2.23 2.52
C ALA A 244 23.96 1.25 1.61
N PRO A 245 23.22 0.57 0.72
CA PRO A 245 23.86 -0.28 -0.30
C PRO A 245 24.77 0.53 -1.23
N GLU A 246 25.67 -0.16 -1.95
CA GLU A 246 26.67 0.50 -2.78
C GLU A 246 26.03 1.35 -3.89
N TRP A 247 24.99 0.82 -4.53
CA TRP A 247 24.41 1.48 -5.69
C TRP A 247 23.84 2.82 -5.31
N TYR A 248 23.37 2.95 -4.07
CA TYR A 248 22.76 4.17 -3.54
C TYR A 248 23.86 5.17 -3.20
N GLN A 249 24.91 4.65 -2.55
CA GLN A 249 26.09 5.45 -2.19
C GLN A 249 26.69 6.13 -3.41
N VAL A 250 26.86 5.36 -4.47
CA VAL A 250 27.25 5.93 -5.75
C VAL A 250 26.32 7.08 -6.10
N GLU A 251 25.04 6.75 -6.16
CA GLU A 251 24.02 7.68 -6.60
C GLU A 251 23.97 8.94 -5.75
N LEU A 252 24.22 8.80 -4.44
CA LEU A 252 24.25 9.95 -3.54
C LEU A 252 25.34 10.98 -3.95
N LYS A 253 26.57 10.51 -4.08
CA LYS A 253 27.68 11.34 -4.59
C LYS A 253 27.30 12.12 -5.85
N ALA A 254 26.87 11.40 -6.89
CA ALA A 254 26.37 12.04 -8.11
C ALA A 254 25.27 13.10 -7.85
N PHE A 255 24.31 12.76 -6.99
CA PHE A 255 23.28 13.75 -6.65
C PHE A 255 23.89 15.00 -6.02
N GLN A 256 24.72 14.80 -4.99
CA GLN A 256 25.36 15.90 -4.27
C GLN A 256 26.17 16.78 -5.24
N ALA A 257 26.71 16.14 -6.28
CA ALA A 257 27.48 16.84 -7.31
C ALA A 257 26.64 17.83 -8.11
N THR A 258 25.49 17.38 -8.63
CA THR A 258 24.54 18.25 -9.34
C THR A 258 24.08 19.46 -8.49
N SER B 2 18.19 1.62 10.69
CA SER B 2 19.47 1.63 9.92
C SER B 2 19.39 0.94 8.55
N LYS B 3 19.21 -0.39 8.49
CA LYS B 3 19.30 -1.02 7.19
C LYS B 3 17.91 -1.20 6.52
N SER B 4 17.09 -0.17 6.61
CA SER B 4 15.73 -0.23 6.04
C SER B 4 15.42 1.17 5.51
N ALA B 5 14.54 1.25 4.52
CA ALA B 5 14.13 2.54 3.94
C ALA B 5 13.19 3.37 4.86
N ASP B 6 13.25 4.69 4.72
CA ASP B 6 12.26 5.58 5.33
C ASP B 6 12.17 5.55 6.85
N ARG B 7 13.30 5.37 7.56
CA ARG B 7 13.26 5.40 9.05
C ARG B 7 12.97 6.77 9.69
N SAM C . 14.16 -3.06 -8.74
CA SAM C . 13.47 -3.86 -7.74
C SAM C . 13.01 -5.19 -8.31
O SAM C . 13.26 -5.46 -9.51
OXT SAM C . 12.31 -5.98 -7.60
CB SAM C . 12.30 -3.06 -7.10
CG SAM C . 12.78 -2.15 -5.96
SD SAM C . 13.24 -2.98 -4.54
CE SAM C . 12.44 -2.23 -3.27
C5' SAM C . 14.83 -2.53 -4.14
C4' SAM C . 15.96 -2.91 -5.11
O4' SAM C . 15.87 -2.23 -6.36
C3' SAM C . 17.34 -2.54 -4.59
O3' SAM C . 17.85 -3.60 -3.78
C2' SAM C . 18.19 -2.30 -5.83
O2' SAM C . 18.60 -3.56 -6.41
C1' SAM C . 17.17 -1.80 -6.81
N9 SAM C . 17.18 -0.32 -6.95
C8 SAM C . 16.23 0.52 -6.50
N7 SAM C . 16.52 1.80 -6.87
C5 SAM C . 17.68 1.77 -7.58
C6 SAM C . 18.54 2.77 -8.24
N6 SAM C . 18.21 4.09 -8.22
N1 SAM C . 19.67 2.31 -8.85
C2 SAM C . 19.98 1.00 -8.87
N3 SAM C . 19.27 0.03 -8.27
C4 SAM C . 18.10 0.36 -7.62
#